data_5IIP
#
_entry.id   5IIP
#
_cell.length_a   52.150
_cell.length_b   88.260
_cell.length_c   61.790
_cell.angle_alpha   90.000
_cell.angle_beta   114.790
_cell.angle_gamma   90.000
#
_symmetry.space_group_name_H-M   'P 1 21 1'
#
loop_
_entity.id
_entity.type
_entity.pdbx_description
1 polymer 'Glycine betaine/carnitine/choline ABC transporter%2C ATP-binding protein%2C putative'
2 water water
#
_entity_poly.entity_id   1
_entity_poly.type   'polypeptide(L)'
_entity_poly.pdbx_seq_one_letter_code
;GSSHHHHHHSSGLVPRGSHMASGQNRLIQDRPNDKTVEGVMIKPITIQAEATLNDAVHIMRQKRVDTIFVVDSNNHLLGF
LDIEDINQGIRGHKSLRDTMQQHIYTVQIDSKLQDSVRTILKRNVRNVPVVDDQQRLVGLITRANVVDIVYDTIWGDSED
TVQTEHVGEDTASSKVHEQHTTNVKVRDIGDDKS
;
_entity_poly.pdbx_strand_id   A,B,C,D
#
# COMPACT_ATOMS: atom_id res chain seq x y z
N GLU A 38 -12.25 -1.10 3.29
CA GLU A 38 -11.77 0.25 3.04
C GLU A 38 -10.60 0.64 3.89
N GLY A 39 -9.73 -0.34 4.01
CA GLY A 39 -8.43 -0.19 4.59
C GLY A 39 -7.44 -0.04 3.44
N VAL A 40 -7.93 -0.26 2.24
CA VAL A 40 -7.18 -0.15 1.04
C VAL A 40 -7.14 1.28 0.57
N MET A 41 -8.00 2.10 1.11
CA MET A 41 -8.08 3.50 0.73
C MET A 41 -7.04 4.41 1.33
N ILE A 42 -6.87 5.53 0.68
CA ILE A 42 -5.92 6.51 1.09
C ILE A 42 -6.55 7.87 1.02
N LYS A 43 -5.81 8.85 1.47
CA LYS A 43 -6.27 10.21 1.50
C LYS A 43 -5.99 10.93 0.22
N PRO A 44 -7.00 11.53 -0.35
CA PRO A 44 -6.86 12.30 -1.59
C PRO A 44 -6.39 13.74 -1.40
N ILE A 45 -5.93 14.36 -2.48
CA ILE A 45 -5.50 15.73 -2.47
C ILE A 45 -6.74 16.46 -2.86
N THR A 46 -7.11 17.47 -2.12
CA THR A 46 -8.32 18.17 -2.39
C THR A 46 -8.16 19.61 -2.56
N ILE A 47 -9.12 20.20 -3.22
CA ILE A 47 -9.12 21.62 -3.36
C ILE A 47 -10.53 22.17 -3.27
N GLN A 48 -10.68 23.33 -2.65
CA GLN A 48 -11.97 23.95 -2.53
C GLN A 48 -12.47 24.54 -3.80
N ALA A 49 -13.77 24.57 -3.97
CA ALA A 49 -14.42 25.07 -5.16
C ALA A 49 -14.23 26.52 -5.49
N GLU A 50 -14.04 27.33 -4.49
CA GLU A 50 -13.90 28.74 -4.66
C GLU A 50 -12.50 29.18 -4.95
N ALA A 51 -11.58 28.26 -4.91
CA ALA A 51 -10.21 28.54 -5.22
C ALA A 51 -10.05 28.78 -6.71
N THR A 52 -8.93 29.34 -7.06
CA THR A 52 -8.61 29.61 -8.42
C THR A 52 -7.96 28.46 -9.13
N LEU A 53 -8.00 28.49 -10.45
CA LEU A 53 -7.36 27.50 -11.27
C LEU A 53 -5.87 27.56 -11.03
N ASN A 54 -5.38 28.74 -10.77
CA ASN A 54 -3.99 28.97 -10.48
C ASN A 54 -3.60 28.27 -9.20
N ASP A 55 -4.47 28.30 -8.22
CA ASP A 55 -4.21 27.62 -6.97
C ASP A 55 -4.11 26.13 -7.20
N ALA A 56 -4.92 25.62 -8.12
CA ALA A 56 -4.95 24.22 -8.48
C ALA A 56 -3.67 23.81 -9.09
N VAL A 57 -3.11 24.68 -9.90
CA VAL A 57 -1.86 24.41 -10.55
C VAL A 57 -0.74 24.25 -9.54
N HIS A 58 -0.70 25.10 -8.54
CA HIS A 58 0.33 25.03 -7.54
C HIS A 58 0.22 23.77 -6.75
N ILE A 59 -0.99 23.37 -6.40
CA ILE A 59 -1.19 22.20 -5.58
C ILE A 59 -0.72 20.93 -6.20
N MET A 60 -1.07 20.72 -7.44
CA MET A 60 -0.71 19.52 -8.12
C MET A 60 0.79 19.43 -8.18
N ARG A 61 1.42 20.57 -8.40
CA ARG A 61 2.88 20.65 -8.47
C ARG A 61 3.56 20.33 -7.19
N GLN A 62 3.09 20.89 -6.11
CA GLN A 62 3.70 20.61 -4.83
C GLN A 62 3.54 19.15 -4.47
N LYS A 63 2.33 18.67 -4.68
CA LYS A 63 1.96 17.30 -4.38
C LYS A 63 2.32 16.32 -5.47
N ARG A 64 2.67 16.82 -6.65
CA ARG A 64 3.06 15.95 -7.73
C ARG A 64 2.03 14.91 -8.07
N VAL A 65 0.84 15.37 -8.38
CA VAL A 65 -0.21 14.47 -8.70
C VAL A 65 -0.89 14.77 -9.99
N ASP A 66 -1.32 13.71 -10.61
CA ASP A 66 -2.06 13.78 -11.82
C ASP A 66 -3.41 14.39 -11.58
N THR A 67 -4.05 14.03 -10.49
CA THR A 67 -5.38 14.52 -10.23
C THR A 67 -5.81 14.96 -8.84
N ILE A 68 -6.71 15.94 -8.81
CA ILE A 68 -7.23 16.45 -7.56
C ILE A 68 -8.72 16.50 -7.49
N PHE A 69 -9.21 16.39 -6.29
CA PHE A 69 -10.62 16.42 -6.05
C PHE A 69 -11.10 17.71 -5.50
N VAL A 70 -12.20 18.17 -6.05
CA VAL A 70 -12.83 19.39 -5.66
C VAL A 70 -13.95 19.17 -4.70
N VAL A 71 -13.87 19.86 -3.60
CA VAL A 71 -14.84 19.77 -2.56
C VAL A 71 -15.29 21.15 -2.17
N ASP A 72 -16.34 21.15 -1.38
CA ASP A 72 -16.87 22.35 -0.83
C ASP A 72 -16.25 22.56 0.52
N SER A 73 -16.75 23.53 1.25
CA SER A 73 -16.27 23.87 2.57
C SER A 73 -16.46 22.78 3.56
N ASN A 74 -17.49 22.01 3.37
CA ASN A 74 -17.84 20.92 4.25
C ASN A 74 -17.39 19.56 3.80
N ASN A 75 -16.56 19.53 2.79
CA ASN A 75 -15.99 18.32 2.25
C ASN A 75 -16.87 17.46 1.36
N HIS A 76 -17.88 18.05 0.76
CA HIS A 76 -18.76 17.35 -0.14
C HIS A 76 -18.09 17.39 -1.44
N LEU A 77 -18.10 16.26 -2.11
CA LEU A 77 -17.48 16.12 -3.38
C LEU A 77 -18.30 16.70 -4.48
N LEU A 78 -17.66 17.52 -5.29
CA LEU A 78 -18.29 18.13 -6.38
C LEU A 78 -17.64 17.88 -7.72
N GLY A 79 -16.36 17.65 -7.73
CA GLY A 79 -15.66 17.50 -8.95
C GLY A 79 -14.31 16.90 -8.95
N PHE A 80 -13.75 16.82 -10.12
CA PHE A 80 -12.45 16.25 -10.35
C PHE A 80 -11.68 16.97 -11.44
N LEU A 81 -10.43 17.23 -11.17
CA LEU A 81 -9.61 17.89 -12.15
C LEU A 81 -8.31 17.20 -12.43
N ASP A 82 -7.90 17.30 -13.67
CA ASP A 82 -6.62 16.80 -14.10
C ASP A 82 -5.94 17.97 -14.77
N ILE A 83 -4.67 17.79 -15.09
CA ILE A 83 -3.86 18.84 -15.67
C ILE A 83 -4.39 19.35 -16.95
N GLU A 84 -4.94 18.49 -17.77
CA GLU A 84 -5.48 18.92 -19.02
C GLU A 84 -6.68 19.84 -18.87
N ASP A 85 -7.51 19.56 -17.90
CA ASP A 85 -8.68 20.37 -17.67
C ASP A 85 -8.29 21.74 -17.23
N ILE A 86 -7.26 21.80 -16.42
CA ILE A 86 -6.73 23.02 -15.90
C ILE A 86 -6.18 23.91 -17.00
N ASN A 87 -5.45 23.33 -17.93
CA ASN A 87 -4.92 24.10 -19.03
C ASN A 87 -6.03 24.61 -19.90
N GLN A 88 -6.99 23.78 -20.24
CA GLN A 88 -8.11 24.21 -21.05
C GLN A 88 -8.88 25.29 -20.30
N GLY A 89 -8.96 25.20 -18.99
CA GLY A 89 -9.64 26.20 -18.21
C GLY A 89 -9.04 27.59 -18.16
N ILE A 90 -7.75 27.64 -17.95
CA ILE A 90 -7.02 28.89 -17.93
C ILE A 90 -7.05 29.54 -19.29
N ARG A 91 -6.86 28.74 -20.31
CA ARG A 91 -6.83 29.21 -21.67
C ARG A 91 -8.15 29.83 -22.02
N GLY A 92 -9.21 29.30 -21.46
CA GLY A 92 -10.54 29.79 -21.68
C GLY A 92 -11.10 30.72 -20.63
N HIS A 93 -10.30 31.10 -19.66
CA HIS A 93 -10.76 32.00 -18.64
C HIS A 93 -12.00 31.53 -17.93
N LYS A 94 -11.99 30.32 -17.44
CA LYS A 94 -13.12 29.77 -16.79
C LYS A 94 -12.83 29.56 -15.35
N SER A 95 -13.86 29.57 -14.54
CA SER A 95 -13.71 29.34 -13.12
C SER A 95 -13.45 27.89 -12.87
N LEU A 96 -13.01 27.55 -11.68
CA LEU A 96 -12.73 26.16 -11.31
C LEU A 96 -13.95 25.28 -11.32
N ARG A 97 -15.05 25.83 -10.87
CA ARG A 97 -16.34 25.18 -10.81
C ARG A 97 -16.83 24.80 -12.18
N ASP A 98 -16.59 25.64 -13.15
CA ASP A 98 -17.01 25.39 -14.49
C ASP A 98 -16.01 24.58 -15.29
N THR A 99 -14.89 24.23 -14.69
CA THR A 99 -13.86 23.51 -15.36
C THR A 99 -13.74 22.07 -14.94
N MET A 100 -14.23 21.75 -13.76
CA MET A 100 -14.13 20.42 -13.21
C MET A 100 -15.03 19.41 -13.84
N GLN A 101 -14.72 18.15 -13.64
CA GLN A 101 -15.52 17.09 -14.17
C GLN A 101 -16.55 16.78 -13.11
N GLN A 102 -17.79 16.81 -13.47
CA GLN A 102 -18.81 16.58 -12.51
C GLN A 102 -19.21 15.13 -12.43
N HIS A 103 -18.97 14.38 -13.47
CA HIS A 103 -19.31 12.98 -13.52
C HIS A 103 -18.24 12.13 -12.92
N ILE A 104 -18.61 11.41 -11.89
CA ILE A 104 -17.69 10.57 -11.18
C ILE A 104 -18.33 9.32 -10.68
N TYR A 105 -17.59 8.23 -10.63
CA TYR A 105 -18.11 6.98 -10.14
C TYR A 105 -17.67 6.86 -8.73
N THR A 106 -18.57 6.53 -7.84
CA THR A 106 -18.24 6.50 -6.46
C THR A 106 -18.58 5.25 -5.66
N VAL A 107 -17.93 5.09 -4.53
CA VAL A 107 -18.19 4.00 -3.64
C VAL A 107 -18.34 4.46 -2.22
N GLN A 108 -19.32 3.88 -1.57
CA GLN A 108 -19.64 4.15 -0.19
C GLN A 108 -18.60 3.61 0.76
N ILE A 109 -18.46 4.32 1.86
CA ILE A 109 -17.55 4.01 2.92
C ILE A 109 -17.98 2.72 3.57
N ASP A 110 -19.28 2.55 3.64
CA ASP A 110 -19.87 1.37 4.24
C ASP A 110 -19.70 0.09 3.43
N SER A 111 -19.49 0.23 2.14
CA SER A 111 -19.33 -0.90 1.25
C SER A 111 -18.15 -1.76 1.61
N LYS A 112 -18.29 -3.06 1.49
CA LYS A 112 -17.19 -3.95 1.77
C LYS A 112 -16.35 -4.06 0.53
N LEU A 113 -15.14 -4.55 0.65
CA LEU A 113 -14.23 -4.57 -0.46
C LEU A 113 -14.57 -5.62 -1.48
N GLN A 114 -15.79 -5.55 -1.92
CA GLN A 114 -16.31 -6.43 -2.94
C GLN A 114 -16.93 -5.56 -4.04
N SER A 116 -16.42 -4.34 -4.13
CA SER A 116 -16.74 -3.36 -5.14
C SER A 116 -15.48 -3.25 -6.01
N VAL A 117 -14.61 -4.26 -5.97
CA VAL A 117 -13.39 -4.33 -6.73
C VAL A 117 -13.81 -4.49 -8.16
N ARG A 118 -14.88 -5.22 -8.36
CA ARG A 118 -15.46 -5.48 -9.68
C ARG A 118 -15.87 -4.19 -10.32
N THR A 119 -16.33 -3.28 -9.51
CA THR A 119 -16.72 -2.00 -10.05
C THR A 119 -15.56 -1.23 -10.61
N ILE A 120 -14.46 -1.17 -9.89
CA ILE A 120 -13.32 -0.49 -10.39
C ILE A 120 -12.81 -1.20 -11.63
N LEU A 121 -12.73 -2.51 -11.61
CA LEU A 121 -12.23 -3.27 -12.74
C LEU A 121 -13.07 -3.29 -13.97
N LYS A 122 -14.36 -3.43 -13.82
CA LYS A 122 -15.22 -3.45 -14.97
C LYS A 122 -15.25 -2.10 -15.69
N ARG A 123 -15.42 -1.03 -14.95
CA ARG A 123 -15.44 0.29 -15.54
C ARG A 123 -14.08 0.85 -15.85
N ASN A 124 -13.04 0.30 -15.29
CA ASN A 124 -11.69 0.75 -15.57
C ASN A 124 -11.43 2.23 -15.49
N VAL A 125 -11.48 2.75 -14.28
CA VAL A 125 -11.28 4.13 -14.01
C VAL A 125 -10.09 4.26 -13.08
N ARG A 126 -9.21 5.21 -13.34
CA ARG A 126 -8.01 5.35 -12.55
C ARG A 126 -8.28 5.66 -11.13
N ASN A 127 -9.30 6.46 -10.90
CA ASN A 127 -9.60 6.89 -9.57
C ASN A 127 -11.01 6.70 -9.06
N VAL A 128 -11.17 6.12 -7.88
CA VAL A 128 -12.49 5.99 -7.31
C VAL A 128 -12.61 6.61 -5.92
N PRO A 129 -13.36 7.68 -5.81
CA PRO A 129 -13.57 8.38 -4.55
C PRO A 129 -14.42 7.66 -3.54
N VAL A 130 -14.11 7.74 -2.28
CA VAL A 130 -14.90 7.09 -1.29
C VAL A 130 -15.63 8.11 -0.46
N VAL A 131 -16.92 7.95 -0.35
CA VAL A 131 -17.74 8.89 0.35
C VAL A 131 -18.61 8.28 1.40
N ASP A 132 -19.07 9.12 2.28
CA ASP A 132 -19.98 8.74 3.34
C ASP A 132 -21.42 8.88 2.89
N ASP A 133 -22.36 8.64 3.78
CA ASP A 133 -23.78 8.70 3.46
C ASP A 133 -24.17 10.10 3.05
N GLN A 134 -23.41 11.09 3.45
CA GLN A 134 -23.69 12.47 3.11
C GLN A 134 -22.90 12.94 1.90
N GLN A 135 -22.19 12.04 1.26
CA GLN A 135 -21.38 12.32 0.08
C GLN A 135 -20.18 13.19 0.32
N ARG A 136 -19.64 13.08 1.51
CA ARG A 136 -18.47 13.80 1.86
C ARG A 136 -17.31 12.92 1.57
N LEU A 137 -16.29 13.50 0.96
CA LEU A 137 -15.13 12.76 0.58
C LEU A 137 -14.34 12.33 1.78
N VAL A 138 -14.11 11.04 1.84
CA VAL A 138 -13.41 10.41 2.91
C VAL A 138 -12.17 9.69 2.45
N GLY A 139 -12.18 9.23 1.23
CA GLY A 139 -11.05 8.52 0.72
C GLY A 139 -10.99 8.38 -0.76
N LEU A 140 -9.94 7.74 -1.22
CA LEU A 140 -9.75 7.47 -2.60
C LEU A 140 -9.22 6.06 -2.85
N ILE A 141 -9.74 5.43 -3.88
CA ILE A 141 -9.29 4.11 -4.29
C ILE A 141 -8.76 4.20 -5.70
N THR A 142 -7.52 3.76 -5.86
CA THR A 142 -6.82 3.75 -7.14
C THR A 142 -6.79 2.39 -7.82
N ARG A 143 -6.88 2.42 -9.13
CA ARG A 143 -6.86 1.22 -9.95
C ARG A 143 -5.56 0.51 -9.83
N ALA A 144 -4.49 1.28 -9.86
CA ALA A 144 -3.18 0.71 -9.79
C ALA A 144 -3.05 -0.01 -8.52
N ASN A 145 -3.48 0.59 -7.44
CA ASN A 145 -3.40 -0.08 -6.18
C ASN A 145 -4.29 -1.32 -6.12
N VAL A 146 -5.47 -1.26 -6.73
CA VAL A 146 -6.37 -2.39 -6.73
C VAL A 146 -5.81 -3.54 -7.54
N VAL A 147 -5.24 -3.21 -8.67
CA VAL A 147 -4.66 -4.21 -9.52
C VAL A 147 -3.57 -4.88 -8.76
N ASP A 148 -2.83 -4.11 -7.99
CA ASP A 148 -1.72 -4.61 -7.21
C ASP A 148 -2.11 -5.57 -6.15
N ILE A 149 -3.21 -5.33 -5.48
CA ILE A 149 -3.71 -6.20 -4.44
C ILE A 149 -4.10 -7.57 -5.01
N VAL A 150 -4.74 -7.57 -6.16
CA VAL A 150 -5.14 -8.79 -6.81
C VAL A 150 -3.95 -9.59 -7.25
N TYR A 151 -3.03 -8.91 -7.86
CA TYR A 151 -1.82 -9.51 -8.36
C TYR A 151 -1.06 -10.10 -7.25
N ASP A 152 -0.87 -9.35 -6.18
CA ASP A 152 -0.11 -9.84 -5.04
C ASP A 152 -0.78 -11.05 -4.42
N THR A 153 -2.09 -11.07 -4.47
CA THR A 153 -2.84 -12.15 -3.90
C THR A 153 -2.81 -13.39 -4.75
N ILE A 154 -2.41 -13.29 -6.00
CA ILE A 154 -2.37 -14.46 -6.86
C ILE A 154 -0.96 -14.85 -7.31
N THR B 36 15.87 7.60 -2.03
CA THR B 36 15.90 6.15 -1.89
C THR B 36 17.05 5.70 -0.99
N VAL B 37 17.23 4.41 -0.78
CA VAL B 37 18.21 3.91 0.13
C VAL B 37 19.58 4.40 -0.11
N GLU B 38 20.02 4.48 -1.34
CA GLU B 38 21.34 4.97 -1.62
C GLU B 38 21.54 6.40 -1.12
N GLY B 39 20.55 7.24 -1.29
CA GLY B 39 20.64 8.62 -0.84
C GLY B 39 20.67 8.83 0.65
N VAL B 40 19.82 8.07 1.32
CA VAL B 40 19.66 8.09 2.78
C VAL B 40 20.76 7.51 3.67
N MET B 41 21.46 6.51 3.20
CA MET B 41 22.46 5.84 3.99
C MET B 41 23.73 6.58 4.21
N ILE B 42 24.46 6.21 5.24
CA ILE B 42 25.72 6.81 5.58
C ILE B 42 26.75 5.76 5.76
N LYS B 43 28.00 6.16 5.84
CA LYS B 43 29.06 5.19 6.01
C LYS B 43 29.22 4.75 7.43
N PRO B 44 29.50 3.47 7.59
CA PRO B 44 29.68 2.92 8.91
C PRO B 44 31.11 2.66 9.30
N ILE B 45 31.31 2.57 10.59
CA ILE B 45 32.61 2.34 11.16
C ILE B 45 32.79 0.86 11.26
N THR B 46 33.92 0.37 10.79
CA THR B 46 34.15 -1.03 10.79
C THR B 46 35.39 -1.49 11.47
N ILE B 47 35.38 -2.75 11.84
CA ILE B 47 36.49 -3.37 12.48
C ILE B 47 36.66 -4.74 11.89
N GLN B 48 37.89 -5.16 11.75
CA GLN B 48 38.18 -6.45 11.21
C GLN B 48 37.85 -7.53 12.19
N ALA B 49 37.61 -8.71 11.67
CA ALA B 49 37.22 -9.85 12.48
C ALA B 49 38.19 -10.37 13.51
N GLU B 50 39.47 -10.47 13.21
CA GLU B 50 40.42 -11.02 14.17
C GLU B 50 41.14 -9.99 14.98
N ALA B 51 40.70 -8.75 14.91
CA ALA B 51 41.33 -7.73 15.70
C ALA B 51 40.91 -7.99 17.09
N THR B 52 41.62 -7.40 18.01
CA THR B 52 41.34 -7.53 19.41
C THR B 52 40.23 -6.60 19.81
N LEU B 53 39.65 -6.91 20.95
CA LEU B 53 38.58 -6.10 21.54
C LEU B 53 39.16 -4.76 21.92
N ASN B 54 40.42 -4.78 22.26
CA ASN B 54 41.14 -3.59 22.65
C ASN B 54 41.20 -2.64 21.49
N ASP B 55 41.34 -3.18 20.30
CA ASP B 55 41.36 -2.38 19.09
C ASP B 55 40.00 -1.72 18.87
N ALA B 56 38.95 -2.41 19.22
CA ALA B 56 37.61 -1.87 19.07
C ALA B 56 37.31 -0.67 19.92
N VAL B 57 37.70 -0.70 21.16
CA VAL B 57 37.43 0.41 22.05
C VAL B 57 38.12 1.63 21.52
N HIS B 58 39.31 1.41 20.96
CA HIS B 58 40.12 2.47 20.47
C HIS B 58 39.37 3.18 19.40
N ILE B 59 38.82 2.41 18.49
CA ILE B 59 38.07 2.93 17.37
C ILE B 59 36.76 3.64 17.67
N MET B 60 35.99 3.20 18.63
CA MET B 60 34.74 3.85 18.89
C MET B 60 35.03 5.24 19.31
N ARG B 61 35.97 5.32 20.22
CA ARG B 61 36.38 6.59 20.75
C ARG B 61 37.00 7.48 19.70
N GLN B 62 37.96 6.95 18.96
CA GLN B 62 38.62 7.74 17.94
C GLN B 62 37.76 8.24 16.83
N LYS B 63 36.84 7.44 16.34
CA LYS B 63 36.01 7.85 15.23
C LYS B 63 34.56 7.94 15.65
N ARG B 64 34.27 8.80 16.61
CA ARG B 64 32.93 8.96 17.15
C ARG B 64 32.62 7.79 18.04
N ASP B 66 29.50 5.04 18.44
CA ASP B 66 28.71 4.27 19.38
C ASP B 66 28.42 2.87 18.89
N THR B 67 28.28 2.70 17.60
CA THR B 67 28.00 1.39 17.07
C THR B 67 28.95 0.97 15.95
N ILE B 68 29.63 -0.16 16.10
CA ILE B 68 30.53 -0.65 15.06
C ILE B 68 30.22 -2.03 14.52
N PHE B 69 30.48 -2.18 13.24
CA PHE B 69 30.22 -3.39 12.51
C PHE B 69 31.43 -4.19 12.13
N VAL B 70 31.40 -5.48 12.40
CA VAL B 70 32.52 -6.35 12.11
C VAL B 70 32.46 -6.93 10.72
N VAL B 71 33.58 -6.89 10.04
CA VAL B 71 33.66 -7.36 8.69
C VAL B 71 34.88 -8.22 8.46
N ASP B 72 34.86 -8.90 7.34
CA ASP B 72 35.95 -9.70 6.92
C ASP B 72 36.72 -9.00 5.82
N SER B 73 37.72 -9.68 5.31
CA SER B 73 38.59 -9.14 4.30
C SER B 73 37.86 -8.72 3.07
N ASN B 74 36.71 -9.31 2.83
CA ASN B 74 35.94 -8.94 1.68
C ASN B 74 34.77 -8.03 1.96
N ASN B 75 34.78 -7.41 3.12
CA ASN B 75 33.76 -6.49 3.54
C ASN B 75 32.43 -7.09 3.86
N HIS B 76 32.36 -8.38 4.11
CA HIS B 76 31.11 -8.98 4.47
C HIS B 76 30.76 -8.71 5.90
N LEU B 77 29.50 -8.56 6.16
CA LEU B 77 29.02 -8.29 7.49
C LEU B 77 28.94 -9.54 8.29
N LEU B 78 29.61 -9.56 9.42
CA LEU B 78 29.61 -10.69 10.28
C LEU B 78 28.89 -10.40 11.52
N GLY B 79 29.01 -9.20 12.02
CA GLY B 79 28.33 -8.85 13.22
C GLY B 79 28.51 -7.42 13.57
N PHE B 80 28.05 -7.03 14.73
CA PHE B 80 28.18 -5.66 15.16
C PHE B 80 28.35 -5.59 16.66
N LEU B 81 28.97 -4.55 17.15
CA LEU B 81 29.24 -4.39 18.56
C LEU B 81 28.68 -3.17 19.22
N ASP B 82 28.17 -3.36 20.43
CA ASP B 82 27.63 -2.28 21.23
C ASP B 82 28.64 -1.96 22.30
N GLU B 84 27.94 -1.61 25.23
CA GLU B 84 28.03 -2.52 26.35
C GLU B 84 28.75 -3.84 26.07
N ASP B 85 28.53 -4.43 24.92
CA ASP B 85 29.15 -5.70 24.61
C ASP B 85 30.64 -5.67 24.68
N ILE B 86 31.27 -4.60 24.22
CA ILE B 86 32.69 -4.55 24.25
C ILE B 86 33.18 -4.60 25.67
N ASN B 87 32.54 -3.87 26.57
CA ASN B 87 33.00 -3.86 27.93
C ASN B 87 32.80 -5.23 28.57
N GLN B 88 31.73 -5.92 28.19
CA GLN B 88 31.48 -7.23 28.75
C GLN B 88 32.50 -8.28 28.34
N GLY B 89 33.04 -8.16 27.15
CA GLY B 89 34.00 -9.13 26.68
C GLY B 89 35.28 -9.18 27.46
N GLY B 92 35.64 -9.58 31.07
CA GLY B 92 34.85 -10.72 30.63
C GLY B 92 35.71 -11.82 30.06
N HIS B 93 36.91 -11.45 29.69
CA HIS B 93 37.86 -12.37 29.12
C HIS B 93 37.46 -13.09 27.86
N LYS B 94 36.89 -12.36 26.91
CA LYS B 94 36.47 -12.92 25.62
C LYS B 94 36.95 -12.20 24.35
N SER B 95 36.96 -12.96 23.26
CA SER B 95 37.35 -12.51 21.93
C SER B 95 36.27 -11.72 21.23
N LEU B 96 36.65 -11.06 20.16
CA LEU B 96 35.73 -10.23 19.40
C LEU B 96 34.61 -10.98 18.72
N ARG B 97 34.97 -12.04 18.04
CA ARG B 97 34.02 -12.85 17.32
C ARG B 97 33.05 -13.44 18.27
N ASP B 98 33.54 -13.80 19.42
CA ASP B 98 32.70 -14.37 20.46
C ASP B 98 31.75 -13.41 21.10
N THR B 99 32.15 -12.18 21.22
CA THR B 99 31.34 -11.21 21.88
C THR B 99 30.36 -10.46 21.03
N MET B 100 30.57 -10.46 19.73
CA MET B 100 29.71 -9.76 18.78
C MET B 100 28.33 -10.32 18.58
N GLN B 101 27.42 -9.45 18.20
CA GLN B 101 26.06 -9.83 17.92
C GLN B 101 26.00 -10.29 16.49
N GLN B 102 25.47 -11.48 16.28
CA GLN B 102 25.37 -12.03 14.97
C GLN B 102 24.05 -11.84 14.31
N HIS B 103 23.03 -11.50 15.04
CA HIS B 103 21.72 -11.31 14.48
C HIS B 103 21.47 -9.87 14.13
N ILE B 104 21.34 -9.61 12.85
CA ILE B 104 21.15 -8.28 12.35
C ILE B 104 20.16 -8.29 11.22
N TYR B 105 19.37 -7.23 11.14
CA TYR B 105 18.41 -7.05 10.06
C TYR B 105 19.04 -6.22 8.97
N THR B 106 18.86 -6.61 7.72
CA THR B 106 19.47 -5.90 6.63
C THR B 106 18.59 -5.55 5.48
N VAL B 107 19.05 -4.64 4.66
CA VAL B 107 18.32 -4.27 3.52
C VAL B 107 19.27 -4.13 2.38
N GLN B 108 18.75 -4.34 1.20
CA GLN B 108 19.51 -4.25 0.00
C GLN B 108 19.71 -2.85 -0.50
N ILE B 109 20.80 -2.70 -1.19
CA ILE B 109 21.27 -1.47 -1.79
C ILE B 109 20.32 -0.96 -2.84
N ASP B 110 19.74 -1.88 -3.57
CA ASP B 110 18.81 -1.59 -4.63
C ASP B 110 17.39 -1.54 -4.23
N SER B 111 17.09 -1.78 -2.98
CA SER B 111 15.71 -1.76 -2.51
C SER B 111 15.13 -0.38 -2.36
N LYS B 112 13.81 -0.33 -2.30
CA LYS B 112 13.11 0.91 -2.11
C LYS B 112 13.23 1.41 -0.71
N LEU B 113 13.26 2.71 -0.60
CA LEU B 113 13.35 3.36 0.67
C LEU B 113 12.15 3.08 1.53
N GLN B 114 11.01 2.98 0.91
CA GLN B 114 9.77 2.80 1.62
C GLN B 114 9.73 1.60 2.45
N ASP B 115 10.06 0.50 1.84
CA ASP B 115 10.01 -0.74 2.53
C ASP B 115 11.03 -0.86 3.62
N SER B 116 12.18 -0.32 3.39
CA SER B 116 13.21 -0.30 4.40
C SER B 116 12.80 0.62 5.54
N VAL B 117 12.04 1.65 5.24
CA VAL B 117 11.56 2.57 6.24
C VAL B 117 10.62 1.83 7.15
N ARG B 118 9.76 1.02 6.58
CA ARG B 118 8.80 0.24 7.34
C ARG B 118 9.45 -0.79 8.25
N THR B 119 10.52 -1.36 7.76
CA THR B 119 11.30 -2.34 8.48
C THR B 119 11.92 -1.75 9.73
N ILE B 120 12.51 -0.58 9.60
CA ILE B 120 13.09 0.05 10.74
C ILE B 120 12.01 0.41 11.74
N LEU B 121 10.92 1.00 11.28
CA LEU B 121 9.87 1.37 12.19
C LEU B 121 9.18 0.21 12.83
N LYS B 122 8.77 -0.77 12.06
CA LYS B 122 8.10 -1.92 12.63
C LYS B 122 8.95 -2.74 13.57
N ARG B 123 10.21 -2.95 13.28
CA ARG B 123 11.07 -3.70 14.17
C ARG B 123 11.65 -2.85 15.26
N ASN B 124 11.56 -1.54 15.07
CA ASN B 124 12.09 -0.56 15.97
C ASN B 124 13.55 -0.77 16.33
N VAL B 125 14.41 -0.73 15.35
CA VAL B 125 15.80 -0.93 15.54
C VAL B 125 16.57 0.33 15.34
N ARG B 126 17.65 0.45 16.08
CA ARG B 126 18.50 1.61 15.99
C ARG B 126 19.21 1.73 14.67
N ASN B 127 19.76 0.63 14.20
CA ASN B 127 20.53 0.57 12.99
C ASN B 127 20.14 -0.50 12.00
N VAL B 128 20.13 -0.20 10.73
CA VAL B 128 19.87 -1.19 9.73
C VAL B 128 20.99 -1.12 8.70
N PRO B 129 21.89 -2.07 8.67
CA PRO B 129 22.96 -2.03 7.68
C PRO B 129 22.50 -2.31 6.26
N VAL B 130 23.18 -1.73 5.29
CA VAL B 130 22.87 -1.88 3.90
C VAL B 130 23.94 -2.72 3.26
N VAL B 131 23.52 -3.74 2.55
CA VAL B 131 24.41 -4.64 1.93
C VAL B 131 24.11 -4.80 0.48
N ASP B 132 25.08 -5.23 -0.27
CA ASP B 132 24.90 -5.45 -1.69
C ASP B 132 24.51 -6.88 -1.93
N ASP B 133 24.55 -7.31 -3.16
CA ASP B 133 24.17 -8.67 -3.47
C ASP B 133 25.10 -9.78 -2.95
N GLN B 134 26.26 -9.40 -2.43
CA GLN B 134 27.21 -10.34 -1.89
C GLN B 134 27.28 -10.28 -0.40
N GLN B 135 26.31 -9.64 0.21
CA GLN B 135 26.23 -9.45 1.64
C GLN B 135 27.36 -8.62 2.18
N ARG B 136 27.83 -7.73 1.35
CA ARG B 136 28.90 -6.84 1.67
C ARG B 136 28.37 -5.51 2.16
N LEU B 137 28.94 -4.99 3.23
CA LEU B 137 28.49 -3.76 3.82
C LEU B 137 28.78 -2.56 3.00
N VAL B 138 27.75 -1.81 2.69
CA VAL B 138 27.91 -0.62 1.93
C VAL B 138 27.40 0.65 2.60
N GLY B 139 26.47 0.55 3.54
CA GLY B 139 25.91 1.71 4.15
C GLY B 139 25.17 1.49 5.45
N LEU B 140 24.66 2.55 6.04
CA LEU B 140 23.88 2.47 7.24
C LEU B 140 22.71 3.37 7.28
N ILE B 141 21.54 2.81 7.55
CA ILE B 141 20.33 3.55 7.72
C ILE B 141 20.00 3.50 9.18
N THR B 142 19.82 4.67 9.75
CA THR B 142 19.52 4.81 11.15
C THR B 142 18.11 5.22 11.36
N ARG B 143 17.58 4.84 12.52
CA ARG B 143 16.23 5.17 12.92
C ARG B 143 16.10 6.66 13.10
N ALA B 144 17.15 7.28 13.56
CA ALA B 144 17.13 8.70 13.77
C ALA B 144 16.93 9.48 12.49
N ASN B 145 17.60 9.09 11.42
CA ASN B 145 17.46 9.74 10.15
C ASN B 145 16.09 9.55 9.58
N VAL B 146 15.57 8.37 9.72
CA VAL B 146 14.28 8.03 9.23
C VAL B 146 13.19 8.80 9.92
N VAL B 147 13.28 8.94 11.23
CA VAL B 147 12.28 9.66 11.99
C VAL B 147 12.28 11.13 11.63
N ASP B 148 13.44 11.67 11.33
CA ASP B 148 13.52 13.03 10.90
C ASP B 148 12.86 13.19 9.54
N ILE B 149 13.09 12.24 8.65
CA ILE B 149 12.55 12.33 7.32
C ILE B 149 11.04 12.31 7.34
N VAL B 150 10.52 11.46 8.18
CA VAL B 150 9.09 11.30 8.33
C VAL B 150 8.36 12.51 8.96
N TYR B 151 8.91 13.08 10.01
CA TYR B 151 8.31 14.23 10.65
C TYR B 151 8.33 15.46 9.80
N ASP B 152 9.45 15.67 9.13
CA ASP B 152 9.67 16.83 8.31
C ASP B 152 8.86 16.78 7.05
N THR B 153 8.73 15.61 6.50
CA THR B 153 7.94 15.44 5.34
C THR B 153 6.48 15.63 5.72
N ILE B 154 6.19 15.40 6.99
CA ILE B 154 4.86 15.50 7.56
C ILE B 154 3.90 14.51 6.91
N GLU C 38 20.10 -28.71 23.49
CA GLU C 38 20.70 -30.03 23.51
C GLU C 38 19.68 -30.94 24.17
N GLY C 39 19.56 -30.71 25.44
CA GLY C 39 18.55 -31.32 26.25
C GLY C 39 17.42 -30.33 26.41
N VAL C 40 17.58 -29.16 25.81
CA VAL C 40 16.60 -28.10 25.87
C VAL C 40 16.10 -27.61 24.51
N MET C 41 16.57 -28.23 23.44
CA MET C 41 16.17 -27.83 22.11
C MET C 41 15.02 -28.63 21.60
N ILE C 42 14.39 -28.14 20.55
CA ILE C 42 13.23 -28.78 19.97
C ILE C 42 13.27 -28.86 18.48
N LYS C 43 12.26 -29.42 17.88
CA LYS C 43 12.22 -29.55 16.44
C LYS C 43 12.01 -28.23 15.76
N PRO C 44 12.82 -27.89 14.78
CA PRO C 44 12.64 -26.64 14.08
C PRO C 44 11.76 -26.83 12.92
N ILE C 45 11.08 -25.79 12.53
CA ILE C 45 10.21 -25.88 11.42
C ILE C 45 10.95 -25.39 10.23
N THR C 46 11.08 -26.25 9.24
CA THR C 46 11.88 -25.94 8.08
C THR C 46 11.17 -25.93 6.78
N ILE C 47 11.76 -25.21 5.86
CA ILE C 47 11.24 -25.10 4.52
C ILE C 47 12.43 -25.14 3.60
N GLN C 48 12.23 -25.63 2.39
CA GLN C 48 13.28 -25.67 1.39
C GLN C 48 13.43 -24.34 0.71
N ALA C 49 14.62 -24.09 0.23
CA ALA C 49 15.00 -22.83 -0.40
C ALA C 49 14.27 -22.46 -1.65
N GLU C 50 13.93 -23.44 -2.45
CA GLU C 50 13.29 -23.19 -3.70
C GLU C 50 11.79 -23.05 -3.62
N ALA C 51 11.26 -23.15 -2.43
CA ALA C 51 9.84 -23.06 -2.22
C ALA C 51 9.38 -21.63 -2.25
N THR C 52 8.09 -21.45 -2.14
CA THR C 52 7.50 -20.15 -2.22
C THR C 52 7.10 -19.59 -0.90
N LEU C 53 6.85 -18.31 -0.88
CA LEU C 53 6.42 -17.59 0.28
C LEU C 53 5.07 -18.08 0.70
N ASN C 54 4.30 -18.54 -0.26
CA ASN C 54 2.97 -19.05 -0.01
C ASN C 54 3.04 -20.25 0.87
N ASP C 55 3.94 -21.13 0.52
CA ASP C 55 4.11 -22.33 1.28
C ASP C 55 4.53 -22.03 2.69
N ALA C 56 5.43 -21.09 2.86
CA ALA C 56 5.88 -20.75 4.18
C ALA C 56 4.76 -20.24 5.02
N VAL C 57 3.89 -19.43 4.46
CA VAL C 57 2.76 -18.91 5.20
C VAL C 57 1.79 -20.01 5.64
N HIS C 58 1.57 -21.00 4.79
CA HIS C 58 0.72 -22.11 5.10
C HIS C 58 1.31 -22.90 6.21
N ILE C 59 2.61 -23.05 6.17
CA ILE C 59 3.28 -23.81 7.18
C ILE C 59 3.24 -23.18 8.54
N MET C 60 3.38 -21.89 8.59
CA MET C 60 3.41 -21.23 9.85
C MET C 60 2.11 -21.44 10.56
N ARG C 61 1.04 -21.42 9.81
CA ARG C 61 -0.26 -21.64 10.38
C ARG C 61 -0.52 -23.05 10.89
N GLN C 62 -0.13 -24.06 10.16
CA GLN C 62 -0.35 -25.40 10.63
C GLN C 62 0.40 -25.63 11.86
N LYS C 63 1.59 -25.10 11.92
CA LYS C 63 2.41 -25.25 13.08
C LYS C 63 2.22 -23.90 13.66
N ARG C 64 1.94 -23.83 14.94
CA ARG C 64 1.67 -22.57 15.53
C ARG C 64 2.98 -21.99 15.79
N VAL C 65 3.56 -21.42 14.77
CA VAL C 65 4.86 -20.86 14.92
C VAL C 65 5.09 -19.49 14.31
N ASP C 66 5.92 -18.76 15.01
CA ASP C 66 6.32 -17.41 14.64
C ASP C 66 7.26 -17.33 13.45
N THR C 67 8.22 -18.24 13.34
CA THR C 67 9.10 -18.25 12.17
C THR C 67 9.62 -19.60 11.76
N ILE C 68 10.12 -19.65 10.55
CA ILE C 68 10.64 -20.83 9.93
C ILE C 68 12.06 -20.64 9.43
N PHE C 69 12.78 -21.73 9.29
CA PHE C 69 14.14 -21.67 8.90
C PHE C 69 14.36 -22.29 7.55
N VAL C 70 15.05 -21.61 6.67
CA VAL C 70 15.34 -22.14 5.36
C VAL C 70 16.58 -23.02 5.33
N VAL C 71 16.44 -24.21 4.75
CA VAL C 71 17.50 -25.19 4.64
C VAL C 71 17.59 -25.72 3.25
N ASP C 72 18.70 -26.33 2.92
CA ASP C 72 18.90 -26.96 1.63
C ASP C 72 18.50 -28.39 1.75
N SER C 73 18.54 -29.10 0.64
CA SER C 73 18.12 -30.49 0.61
C SER C 73 18.97 -31.35 1.47
N ASN C 74 20.09 -30.82 1.85
CA ASN C 74 20.95 -31.54 2.68
C ASN C 74 20.94 -31.03 4.09
N ASN C 75 20.01 -30.13 4.34
CA ASN C 75 19.85 -29.54 5.64
C ASN C 75 20.86 -28.54 6.16
N HIS C 76 21.49 -27.82 5.26
CA HIS C 76 22.41 -26.80 5.66
C HIS C 76 21.57 -25.55 5.76
N LEU C 77 21.69 -24.84 6.86
CA LEU C 77 20.93 -23.64 7.11
C LEU C 77 21.37 -22.47 6.29
N LEU C 78 20.41 -21.83 5.67
CA LEU C 78 20.70 -20.69 4.87
C LEU C 78 20.03 -19.42 5.36
N GLY C 79 18.86 -19.53 5.93
CA GLY C 79 18.10 -18.38 6.35
C GLY C 79 17.04 -18.56 7.39
N PHE C 80 16.39 -17.45 7.69
CA PHE C 80 15.36 -17.41 8.67
C PHE C 80 14.26 -16.43 8.27
N LEU C 81 13.04 -16.85 8.48
CA LEU C 81 11.90 -16.06 8.13
C LEU C 81 10.92 -15.90 9.24
N ASP C 82 10.35 -14.71 9.34
CA ASP C 82 9.34 -14.39 10.33
C ASP C 82 8.22 -13.75 9.59
N ILE C 83 7.14 -13.48 10.27
CA ILE C 83 5.98 -12.92 9.63
C ILE C 83 6.26 -11.62 8.93
N GLU C 84 7.00 -10.73 9.57
CA GLU C 84 7.28 -9.45 8.98
C GLU C 84 8.04 -9.55 7.69
N ASP C 85 9.05 -10.37 7.69
CA ASP C 85 9.88 -10.54 6.52
C ASP C 85 9.09 -11.04 5.36
N ILE C 86 8.17 -11.94 5.63
CA ILE C 86 7.34 -12.56 4.62
C ILE C 86 6.43 -11.61 3.86
N ASN C 87 5.82 -10.70 4.59
CA ASN C 87 4.94 -9.72 4.00
C ASN C 87 5.70 -8.82 3.06
N GLN C 88 6.89 -8.45 3.46
CA GLN C 88 7.73 -7.61 2.65
C GLN C 88 8.07 -8.27 1.36
N GLY C 89 8.41 -9.54 1.43
CA GLY C 89 8.75 -10.29 0.26
C GLY C 89 7.60 -10.47 -0.68
N ILE C 90 6.43 -10.62 -0.13
CA ILE C 90 5.25 -10.79 -0.93
C ILE C 90 5.00 -9.54 -1.74
N ARG C 91 5.14 -8.39 -1.08
CA ARG C 91 4.93 -7.11 -1.73
C ARG C 91 5.92 -6.88 -2.86
N GLY C 92 7.13 -7.35 -2.68
CA GLY C 92 8.15 -7.21 -3.67
C GLY C 92 8.19 -8.34 -4.66
N HIS C 93 7.30 -9.28 -4.49
CA HIS C 93 7.21 -10.42 -5.35
C HIS C 93 8.57 -11.08 -5.38
N LYS C 94 9.19 -11.12 -4.22
CA LYS C 94 10.51 -11.67 -4.09
C LYS C 94 10.49 -13.13 -3.78
N SER C 95 11.51 -13.80 -4.24
CA SER C 95 11.66 -15.20 -4.00
C SER C 95 12.05 -15.42 -2.57
N LEU C 96 11.95 -16.66 -2.16
CA LEU C 96 12.25 -17.06 -0.80
C LEU C 96 13.66 -16.78 -0.39
N ARG C 97 14.65 -17.00 -1.26
CA ARG C 97 16.02 -16.71 -0.92
C ARG C 97 16.27 -15.24 -0.75
N ASP C 98 15.60 -14.45 -1.58
CA ASP C 98 15.73 -13.01 -1.57
C ASP C 98 15.23 -12.35 -0.31
N THR C 99 14.19 -12.91 0.27
CA THR C 99 13.62 -12.31 1.46
C THR C 99 14.10 -12.83 2.80
N MET C 100 14.81 -13.94 2.81
CA MET C 100 15.27 -14.52 4.03
C MET C 100 16.41 -13.76 4.66
N GLN C 101 16.54 -13.89 5.95
CA GLN C 101 17.56 -13.23 6.71
C GLN C 101 18.69 -14.15 6.72
N GLN C 102 19.85 -13.62 6.44
CA GLN C 102 21.03 -14.43 6.43
C GLN C 102 21.98 -14.15 7.55
N HIS C 103 21.73 -13.17 8.37
CA HIS C 103 22.60 -12.92 9.49
C HIS C 103 21.95 -13.42 10.78
N ILE C 104 22.41 -14.56 11.24
CA ILE C 104 21.84 -15.24 12.35
C ILE C 104 22.77 -15.68 13.44
N TYR C 105 22.24 -15.82 14.63
CA TYR C 105 22.99 -16.28 15.76
C TYR C 105 22.69 -17.75 16.00
N THR C 106 23.73 -18.57 16.00
CA THR C 106 23.62 -19.99 16.17
C THR C 106 24.62 -20.51 17.15
N VAL C 107 24.39 -21.72 17.60
CA VAL C 107 25.25 -22.40 18.52
C VAL C 107 25.41 -23.81 18.05
N GLN C 108 26.39 -24.49 18.57
CA GLN C 108 26.68 -25.84 18.21
C GLN C 108 26.15 -26.82 19.18
N ILE C 109 25.77 -27.97 18.67
CA ILE C 109 25.30 -29.07 19.49
C ILE C 109 26.44 -29.51 20.38
N ASP C 110 27.62 -29.27 19.87
CA ASP C 110 28.92 -29.54 20.49
C ASP C 110 29.15 -28.72 21.78
N SER C 111 28.54 -27.55 21.81
CA SER C 111 28.69 -26.61 22.91
C SER C 111 27.97 -26.97 24.18
N LYS C 112 28.41 -26.39 25.28
CA LYS C 112 27.73 -26.63 26.53
C LYS C 112 26.83 -25.45 26.69
N LEU C 113 25.68 -25.68 27.26
CA LEU C 113 24.71 -24.63 27.40
C LEU C 113 25.14 -23.44 28.19
N GLN C 114 25.88 -23.64 29.23
CA GLN C 114 26.27 -22.55 30.09
C GLN C 114 27.15 -21.47 29.43
N ASP C 115 27.70 -21.71 28.25
CA ASP C 115 28.51 -20.71 27.60
C ASP C 115 27.71 -19.79 26.71
N SER C 116 26.42 -20.07 26.54
CA SER C 116 25.58 -19.24 25.70
C SER C 116 24.32 -18.73 26.36
N VAL C 117 24.01 -19.23 27.53
CA VAL C 117 22.81 -18.84 28.24
C VAL C 117 22.78 -17.37 28.58
N ARG C 118 23.90 -16.81 28.94
CA ARG C 118 23.94 -15.42 29.28
C ARG C 118 23.61 -14.51 28.11
N THR C 119 24.12 -14.83 26.94
CA THR C 119 23.84 -14.06 25.75
C THR C 119 22.41 -14.17 25.30
N ILE C 120 21.85 -15.37 25.33
CA ILE C 120 20.48 -15.56 24.91
C ILE C 120 19.53 -14.80 25.78
N LEU C 121 19.77 -14.86 27.06
CA LEU C 121 18.91 -14.22 28.01
C LEU C 121 19.09 -12.75 28.02
N LYS C 122 20.27 -12.27 27.71
CA LYS C 122 20.53 -10.87 27.71
C LYS C 122 20.12 -10.17 26.44
N ARG C 123 20.50 -10.73 25.33
CA ARG C 123 20.22 -10.17 24.04
C ARG C 123 18.90 -10.63 23.52
N VAL C 125 16.62 -11.71 20.70
CA VAL C 125 16.76 -12.85 19.82
C VAL C 125 15.98 -14.01 20.34
N ARG C 126 14.78 -14.14 19.81
CA ARG C 126 13.87 -15.17 20.21
C ARG C 126 14.22 -16.57 19.78
N ASN C 127 14.83 -16.73 18.64
CA ASN C 127 15.20 -18.04 18.13
C ASN C 127 16.66 -18.35 17.91
N VAL C 128 17.15 -19.47 18.39
CA VAL C 128 18.51 -19.82 18.17
C VAL C 128 18.68 -21.19 17.58
N PRO C 129 19.02 -21.27 16.31
CA PRO C 129 19.21 -22.56 15.68
C PRO C 129 20.40 -23.32 16.19
N VAL C 130 20.32 -24.64 16.16
CA VAL C 130 21.40 -25.50 16.58
C VAL C 130 21.92 -26.20 15.38
N VAL C 131 23.21 -26.29 15.23
CA VAL C 131 23.79 -26.89 14.05
C VAL C 131 24.83 -27.92 14.35
N ASP C 132 25.18 -28.69 13.36
CA ASP C 132 26.20 -29.67 13.56
C ASP C 132 27.50 -29.10 13.08
N ASP C 133 28.51 -29.95 13.04
CA ASP C 133 29.84 -29.59 12.64
C ASP C 133 29.79 -29.16 11.20
N GLN C 134 28.95 -29.86 10.48
CA GLN C 134 28.79 -29.63 9.07
C GLN C 134 27.87 -28.51 8.75
N GLN C 135 27.43 -27.84 9.77
CA GLN C 135 26.56 -26.70 9.62
C GLN C 135 25.14 -27.08 9.30
N ARG C 136 24.82 -28.33 9.57
CA ARG C 136 23.50 -28.88 9.37
C ARG C 136 22.63 -28.46 10.53
N LEU C 137 21.38 -28.19 10.24
CA LEU C 137 20.44 -27.75 11.24
C LEU C 137 19.90 -28.93 11.99
N VAL C 138 20.32 -29.05 13.24
CA VAL C 138 19.88 -30.14 14.05
C VAL C 138 18.89 -29.87 15.15
N GLY C 139 18.54 -28.62 15.41
CA GLY C 139 17.59 -28.30 16.44
C GLY C 139 17.30 -26.84 16.59
N LEU C 140 16.32 -26.49 17.39
CA LEU C 140 16.00 -25.10 17.68
C LEU C 140 15.97 -24.78 19.16
N ILE C 141 16.48 -23.65 19.55
CA ILE C 141 16.41 -23.22 20.92
C ILE C 141 15.68 -21.90 20.96
N THR C 142 14.54 -21.86 21.60
CA THR C 142 13.82 -20.63 21.73
C THR C 142 14.15 -20.00 23.03
N ARG C 143 14.07 -18.69 23.06
CA ARG C 143 14.33 -17.93 24.26
C ARG C 143 13.28 -18.22 25.31
N ALA C 144 12.06 -18.40 24.88
CA ALA C 144 10.98 -18.70 25.80
C ALA C 144 11.21 -20.00 26.54
N ASN C 145 11.71 -21.00 25.84
CA ASN C 145 12.01 -22.27 26.45
C ASN C 145 13.11 -22.14 27.44
N VAL C 146 14.12 -21.36 27.12
CA VAL C 146 15.23 -21.19 28.02
C VAL C 146 14.77 -20.56 29.29
N VAL C 147 13.90 -19.59 29.20
CA VAL C 147 13.44 -18.96 30.40
C VAL C 147 12.69 -19.94 31.27
N ASP C 148 11.83 -20.71 30.65
CA ASP C 148 11.03 -21.68 31.36
C ASP C 148 11.91 -22.72 31.98
N ILE C 149 12.97 -23.04 31.30
CA ILE C 149 13.89 -24.02 31.81
C ILE C 149 14.64 -23.52 33.02
N VAL C 150 15.07 -22.28 33.01
CA VAL C 150 15.75 -21.75 34.15
C VAL C 150 14.81 -21.56 35.32
N TYR C 151 13.56 -21.28 35.03
CA TYR C 151 12.59 -21.09 36.07
C TYR C 151 12.17 -22.40 36.68
N ASP C 152 12.37 -23.48 35.97
CA ASP C 152 12.03 -24.76 36.52
C ASP C 152 13.04 -25.09 37.59
N THR C 153 13.78 -24.10 38.02
CA THR C 153 14.78 -24.31 39.05
C THR C 153 14.78 -23.15 40.06
N ILE C 154 13.59 -22.87 40.54
CA ILE C 154 13.29 -21.87 41.54
C ILE C 154 11.79 -21.89 41.82
N GLY D 39 -33.25 21.56 -26.82
CA GLY D 39 -34.06 21.58 -28.02
C GLY D 39 -33.84 20.40 -28.93
N VAL D 40 -32.74 19.68 -28.70
CA VAL D 40 -32.39 18.48 -29.45
C VAL D 40 -32.48 17.20 -28.61
N MET D 41 -32.96 17.38 -27.40
CA MET D 41 -33.11 16.33 -26.42
C MET D 41 -34.28 15.43 -26.62
N ILE D 42 -34.27 14.36 -25.87
CA ILE D 42 -35.32 13.39 -25.90
C ILE D 42 -35.77 13.10 -24.49
N LYS D 43 -36.90 12.47 -24.34
CA LYS D 43 -37.41 12.16 -23.03
C LYS D 43 -36.66 11.06 -22.30
N PRO D 44 -36.45 11.24 -21.02
CA PRO D 44 -35.76 10.24 -20.23
C PRO D 44 -36.64 9.24 -19.55
N ILE D 45 -36.04 8.10 -19.23
CA ILE D 45 -36.70 7.03 -18.55
C ILE D 45 -36.33 7.17 -17.10
N THR D 46 -37.31 7.14 -16.23
CA THR D 46 -37.05 7.36 -14.85
C THR D 46 -37.62 6.35 -13.95
N ILE D 47 -37.21 6.48 -12.71
CA ILE D 47 -37.69 5.64 -11.65
C ILE D 47 -37.78 6.49 -10.40
N GLN D 48 -38.80 6.26 -9.61
CA GLN D 48 -38.95 7.01 -8.39
C GLN D 48 -37.97 6.52 -7.38
N ALA D 49 -37.59 7.37 -6.47
CA ALA D 49 -36.60 7.06 -5.43
C ALA D 49 -36.97 5.97 -4.46
N GLU D 50 -38.24 5.81 -4.21
CA GLU D 50 -38.71 4.83 -3.27
C GLU D 50 -38.75 3.44 -3.80
N ALA D 51 -38.57 3.31 -5.09
CA ALA D 51 -38.61 2.04 -5.75
C ALA D 51 -37.38 1.21 -5.48
N THR D 52 -37.44 -0.03 -5.91
CA THR D 52 -36.40 -1.00 -5.69
C THR D 52 -35.57 -1.30 -6.89
N LEU D 53 -34.47 -2.00 -6.66
CA LEU D 53 -33.59 -2.38 -7.72
C LEU D 53 -34.23 -3.32 -8.68
N ASN D 54 -35.02 -4.23 -8.17
CA ASN D 54 -35.71 -5.14 -9.04
C ASN D 54 -36.66 -4.39 -9.93
N ASP D 55 -37.27 -3.33 -9.43
CA ASP D 55 -38.16 -2.51 -10.22
C ASP D 55 -37.41 -1.86 -11.35
N ALA D 56 -36.17 -1.44 -11.09
CA ALA D 56 -35.29 -0.80 -12.04
C ALA D 56 -34.95 -1.71 -13.16
N VAL D 57 -34.75 -2.96 -12.84
CA VAL D 57 -34.48 -3.96 -13.83
C VAL D 57 -35.68 -4.11 -14.77
N HIS D 58 -36.90 -4.13 -14.26
CA HIS D 58 -38.07 -4.29 -15.09
C HIS D 58 -38.28 -3.17 -16.03
N ILE D 59 -38.06 -1.97 -15.53
CA ILE D 59 -38.25 -0.77 -16.32
C ILE D 59 -37.31 -0.70 -17.47
N MET D 60 -36.10 -1.14 -17.26
CA MET D 60 -35.13 -1.12 -18.32
C MET D 60 -35.53 -2.02 -19.46
N ARG D 61 -36.05 -3.20 -19.15
CA ARG D 61 -36.50 -4.14 -20.16
C ARG D 61 -37.62 -3.54 -20.91
N GLN D 62 -38.57 -2.91 -20.25
CA GLN D 62 -39.70 -2.42 -21.01
C GLN D 62 -39.35 -1.43 -22.06
N LYS D 63 -38.51 -0.47 -21.70
CA LYS D 63 -38.07 0.55 -22.63
C LYS D 63 -36.74 0.19 -23.26
N ARG D 64 -36.14 -0.85 -22.73
CA ARG D 64 -34.88 -1.40 -23.22
C ARG D 64 -33.78 -0.41 -23.41
N VAL D 65 -33.50 0.30 -22.34
CA VAL D 65 -32.50 1.31 -22.31
C VAL D 65 -31.39 0.87 -21.41
N ASP D 66 -30.25 1.48 -21.63
CA ASP D 66 -29.03 1.26 -20.86
C ASP D 66 -29.02 1.75 -19.42
N THR D 67 -29.59 2.90 -19.13
CA THR D 67 -29.73 3.33 -17.76
C THR D 67 -30.92 4.26 -17.54
N ILE D 68 -31.23 4.45 -16.27
CA ILE D 68 -32.35 5.22 -15.87
C ILE D 68 -31.95 6.27 -14.88
N PHE D 69 -32.79 7.26 -14.81
CA PHE D 69 -32.60 8.36 -13.92
C PHE D 69 -33.59 8.37 -12.77
N VAL D 70 -33.08 8.57 -11.58
CA VAL D 70 -33.85 8.64 -10.38
C VAL D 70 -34.31 10.05 -10.09
N VAL D 71 -35.58 10.22 -9.84
CA VAL D 71 -36.14 11.50 -9.51
C VAL D 71 -37.04 11.33 -8.34
N ASP D 72 -37.35 12.41 -7.67
CA ASP D 72 -38.25 12.43 -6.57
C ASP D 72 -39.69 12.76 -6.94
N SER D 73 -40.53 12.95 -5.94
CA SER D 73 -41.92 13.21 -6.15
C SER D 73 -42.16 14.43 -6.96
N ASN D 74 -41.27 15.38 -6.86
CA ASN D 74 -41.38 16.61 -7.59
C ASN D 74 -40.45 16.67 -8.78
N ASN D 75 -39.98 15.51 -9.21
CA ASN D 75 -39.09 15.32 -10.36
C ASN D 75 -37.68 15.92 -10.27
N HIS D 76 -37.13 16.07 -9.09
CA HIS D 76 -35.79 16.56 -8.96
C HIS D 76 -34.90 15.42 -9.25
N LEU D 77 -33.80 15.68 -9.91
CA LEU D 77 -32.85 14.66 -10.25
C LEU D 77 -32.00 14.34 -9.07
N LEU D 78 -31.96 13.07 -8.72
CA LEU D 78 -31.19 12.63 -7.63
C LEU D 78 -30.13 11.65 -8.00
N GLY D 79 -30.32 10.89 -9.05
CA GLY D 79 -29.36 9.89 -9.39
C GLY D 79 -29.39 9.28 -10.74
N PHE D 80 -28.45 8.38 -10.95
CA PHE D 80 -28.29 7.69 -12.19
C PHE D 80 -27.98 6.21 -12.00
N LEU D 81 -28.59 5.38 -12.83
CA LEU D 81 -28.34 3.95 -12.78
C LEU D 81 -28.12 3.32 -14.14
N ASP D 82 -27.16 2.42 -14.22
CA ASP D 82 -26.84 1.70 -15.45
C ASP D 82 -26.76 0.24 -15.10
N ILE D 83 -26.57 -0.62 -16.06
CA ILE D 83 -26.56 -2.06 -15.82
C ILE D 83 -25.54 -2.56 -14.86
N GLU D 84 -24.32 -2.11 -14.95
CA GLU D 84 -23.33 -2.55 -14.02
C GLU D 84 -23.67 -2.15 -12.60
N ASP D 85 -24.19 -0.95 -12.43
CA ASP D 85 -24.52 -0.49 -11.10
C ASP D 85 -25.55 -1.37 -10.45
N ILE D 86 -26.56 -1.74 -11.21
CA ILE D 86 -27.61 -2.62 -10.72
C ILE D 86 -27.14 -4.02 -10.34
N ASN D 87 -26.25 -4.60 -11.12
CA ASN D 87 -25.77 -5.92 -10.80
C ASN D 87 -25.08 -5.88 -9.45
N GLN D 88 -24.26 -4.88 -9.19
CA GLN D 88 -23.57 -4.80 -7.92
C GLN D 88 -24.58 -4.65 -6.82
N GLY D 89 -25.66 -3.99 -7.14
CA GLY D 89 -26.69 -3.74 -6.18
C GLY D 89 -27.30 -4.99 -5.69
N ILE D 90 -27.51 -5.91 -6.58
CA ILE D 90 -28.10 -7.15 -6.19
C ILE D 90 -27.21 -7.84 -5.22
N ARG D 91 -25.93 -7.93 -5.56
CA ARG D 91 -24.95 -8.53 -4.68
C ARG D 91 -24.75 -7.48 -3.64
N GLY D 92 -24.86 -7.87 -2.40
CA GLY D 92 -24.77 -6.93 -1.31
C GLY D 92 -26.16 -6.55 -0.91
N HIS D 93 -27.10 -6.87 -1.76
CA HIS D 93 -28.47 -6.67 -1.40
C HIS D 93 -28.66 -5.26 -0.94
N LYS D 94 -28.14 -4.34 -1.73
CA LYS D 94 -28.21 -2.91 -1.43
C LYS D 94 -29.51 -2.26 -1.85
N SER D 95 -29.76 -1.06 -1.35
CA SER D 95 -30.92 -0.29 -1.70
C SER D 95 -30.70 0.53 -2.95
N LEU D 96 -31.76 1.07 -3.48
CA LEU D 96 -31.66 1.88 -4.67
C LEU D 96 -30.89 3.16 -4.44
N ARG D 97 -31.18 3.85 -3.37
CA ARG D 97 -30.52 5.07 -3.05
C ARG D 97 -29.05 4.87 -2.77
N ASP D 98 -28.69 3.77 -2.16
CA ASP D 98 -27.30 3.52 -1.84
C ASP D 98 -26.50 3.07 -3.03
N THR D 99 -27.18 2.69 -4.09
CA THR D 99 -26.56 2.22 -5.28
C THR D 99 -26.41 3.23 -6.37
N MET D 100 -27.28 4.18 -6.36
CA MET D 100 -27.25 5.19 -7.38
C MET D 100 -26.03 6.08 -7.29
N GLN D 101 -25.68 6.63 -8.44
CA GLN D 101 -24.55 7.48 -8.56
C GLN D 101 -25.06 8.90 -8.58
N GLN D 102 -24.58 9.70 -7.68
CA GLN D 102 -25.04 11.04 -7.53
C GLN D 102 -24.19 12.11 -8.13
N HIS D 103 -23.11 11.76 -8.80
CA HIS D 103 -22.25 12.75 -9.41
C HIS D 103 -22.35 12.66 -10.88
N ILE D 104 -23.10 13.57 -11.41
CA ILE D 104 -23.41 13.58 -12.79
C ILE D 104 -23.19 14.90 -13.44
N TYR D 105 -22.91 14.87 -14.73
CA TYR D 105 -22.71 16.06 -15.53
C TYR D 105 -24.03 16.38 -16.14
N THR D 106 -24.51 17.60 -15.93
CA THR D 106 -25.80 18.01 -16.40
C THR D 106 -25.73 19.32 -17.06
N VAL D 107 -26.77 19.66 -17.79
CA VAL D 107 -26.86 20.96 -18.40
C VAL D 107 -28.26 21.53 -18.37
N GLN D 108 -28.31 22.85 -18.32
CA GLN D 108 -29.54 23.61 -18.26
C GLN D 108 -30.25 23.66 -19.57
N ILE D 109 -31.55 23.79 -19.52
CA ILE D 109 -32.34 23.86 -20.73
C ILE D 109 -32.28 25.23 -21.38
N ASP D 110 -31.87 26.24 -20.65
CA ASP D 110 -31.74 27.56 -21.22
C ASP D 110 -30.38 27.68 -21.89
N SER D 111 -29.67 26.58 -21.83
CA SER D 111 -28.33 26.42 -22.34
C SER D 111 -28.27 26.41 -23.83
N LYS D 112 -27.10 26.77 -24.28
CA LYS D 112 -26.80 26.78 -25.66
C LYS D 112 -26.05 25.48 -25.84
N LEU D 113 -26.36 24.75 -26.87
CA LEU D 113 -25.70 23.50 -27.12
C LEU D 113 -24.23 23.61 -27.42
N GLN D 114 -23.84 24.58 -28.20
CA GLN D 114 -22.46 24.71 -28.56
C GLN D 114 -21.58 24.99 -27.38
N ASP D 115 -22.12 25.50 -26.29
CA ASP D 115 -21.29 25.76 -25.13
C ASP D 115 -21.01 24.49 -24.37
N SER D 116 -21.66 23.40 -24.73
CA SER D 116 -21.42 22.14 -24.06
C SER D 116 -20.98 21.01 -24.98
N VAL D 117 -21.10 21.18 -26.27
CA VAL D 117 -20.78 20.14 -27.21
C VAL D 117 -19.35 19.64 -27.20
N ARG D 118 -18.37 20.52 -27.04
CA ARG D 118 -17.00 20.14 -27.00
C ARG D 118 -16.71 19.24 -25.81
N THR D 119 -17.30 19.54 -24.67
CA THR D 119 -17.13 18.76 -23.48
C THR D 119 -17.74 17.41 -23.67
N ILE D 120 -18.89 17.37 -24.28
CA ILE D 120 -19.58 16.13 -24.52
C ILE D 120 -18.82 15.23 -25.43
N LEU D 121 -18.32 15.76 -26.52
CA LEU D 121 -17.56 14.99 -27.49
C LEU D 121 -16.24 14.53 -26.94
N LYS D 122 -15.59 15.40 -26.22
CA LYS D 122 -14.29 15.12 -25.64
C LYS D 122 -14.28 14.10 -24.53
N ARG D 123 -15.29 14.14 -23.70
CA ARG D 123 -15.38 13.24 -22.60
C ARG D 123 -16.07 11.99 -23.00
N ASN D 124 -16.10 11.05 -22.09
CA ASN D 124 -16.70 9.80 -22.35
C ASN D 124 -18.09 9.63 -21.78
N VAL D 125 -18.68 10.71 -21.32
CA VAL D 125 -19.98 10.63 -20.71
C VAL D 125 -21.08 10.46 -21.73
N ARG D 126 -21.72 9.30 -21.62
CA ARG D 126 -22.83 8.85 -22.46
C ARG D 126 -24.21 9.49 -22.36
N ASN D 127 -24.66 9.81 -21.17
CA ASN D 127 -25.97 10.41 -20.99
C ASN D 127 -25.91 11.69 -20.23
N VAL D 128 -26.28 12.78 -20.87
CA VAL D 128 -26.25 14.05 -20.21
C VAL D 128 -27.66 14.56 -19.92
N PRO D 129 -28.07 14.48 -18.69
CA PRO D 129 -29.40 14.92 -18.29
C PRO D 129 -29.62 16.38 -18.44
N VAL D 130 -30.80 16.79 -18.84
CA VAL D 130 -31.12 18.19 -19.00
C VAL D 130 -32.05 18.60 -17.90
N VAL D 131 -31.70 19.66 -17.22
CA VAL D 131 -32.46 20.15 -16.11
C VAL D 131 -32.84 21.61 -16.17
N ASP D 132 -33.86 21.96 -15.41
CA ASP D 132 -34.32 23.33 -15.31
C ASP D 132 -33.61 24.01 -14.17
N ASP D 133 -33.86 25.27 -13.92
CA ASP D 133 -33.17 25.98 -12.87
C ASP D 133 -33.48 25.37 -11.53
N GLN D 134 -34.57 24.65 -11.49
CA GLN D 134 -35.04 24.05 -10.27
C GLN D 134 -34.54 22.67 -10.02
N GLN D 135 -33.60 22.29 -10.88
CA GLN D 135 -32.95 21.00 -10.78
C GLN D 135 -33.90 19.89 -11.10
N ARG D 136 -34.85 20.20 -11.95
CA ARG D 136 -35.87 19.26 -12.37
C ARG D 136 -35.55 18.67 -13.72
N LEU D 137 -35.63 17.35 -13.81
CA LEU D 137 -35.30 16.63 -15.02
C LEU D 137 -36.35 16.74 -16.07
N VAL D 138 -36.00 17.37 -17.16
CA VAL D 138 -36.93 17.55 -18.23
C VAL D 138 -36.54 16.86 -19.52
N GLY D 139 -35.27 16.57 -19.68
CA GLY D 139 -34.80 15.95 -20.88
C GLY D 139 -33.48 15.24 -20.82
N LEU D 140 -33.13 14.59 -21.91
CA LEU D 140 -31.87 13.89 -22.01
C LEU D 140 -31.15 14.05 -23.32
N ILE D 141 -29.84 14.25 -23.26
CA ILE D 141 -29.06 14.31 -24.45
C ILE D 141 -27.99 13.24 -24.37
N THR D 142 -27.92 12.38 -25.36
CA THR D 142 -26.94 11.34 -25.36
C THR D 142 -25.73 11.73 -26.16
N ARG D 143 -24.61 11.12 -25.87
CA ARG D 143 -23.41 11.39 -26.61
C ARG D 143 -23.59 10.92 -28.04
N ALA D 144 -24.33 9.85 -28.22
CA ALA D 144 -24.55 9.30 -29.54
C ALA D 144 -25.29 10.22 -30.40
N ASN D 145 -26.25 10.90 -29.83
CA ASN D 145 -27.02 11.85 -30.57
C ASN D 145 -26.26 13.08 -31.03
N VAL D 146 -25.35 13.55 -30.20
CA VAL D 146 -24.54 14.70 -30.51
C VAL D 146 -23.65 14.41 -31.70
N VAL D 147 -23.10 13.21 -31.74
CA VAL D 147 -22.26 12.80 -32.83
C VAL D 147 -23.03 12.73 -34.11
N ASP D 148 -24.22 12.16 -34.08
CA ASP D 148 -25.05 12.03 -35.26
C ASP D 148 -25.48 13.36 -35.85
N ILE D 149 -25.88 14.27 -35.00
CA ILE D 149 -26.30 15.59 -35.40
C ILE D 149 -25.18 16.39 -35.99
N VAL D 150 -24.10 16.36 -35.28
CA VAL D 150 -22.95 17.07 -35.69
C VAL D 150 -22.49 16.54 -37.03
N TYR D 151 -22.38 15.24 -37.13
CA TYR D 151 -21.93 14.63 -38.36
C TYR D 151 -22.86 14.89 -39.50
N ASP D 152 -24.11 14.59 -39.27
CA ASP D 152 -25.11 14.73 -40.28
C ASP D 152 -25.20 16.17 -40.69
N THR D 153 -24.90 17.08 -39.79
CA THR D 153 -24.92 18.48 -40.10
C THR D 153 -23.93 18.71 -41.18
N ILE D 154 -22.68 18.42 -40.89
CA ILE D 154 -21.68 18.54 -41.88
C ILE D 154 -21.82 17.26 -42.61
N TRP D 155 -21.36 17.22 -43.83
CA TRP D 155 -21.43 16.00 -44.59
C TRP D 155 -22.83 15.45 -44.57
#